data_2BQ8
#
_entry.id   2BQ8
#
_cell.length_a   94.756
_cell.length_b   94.756
_cell.length_c   144.007
_cell.angle_alpha   90.00
_cell.angle_beta   90.00
_cell.angle_gamma   120.00
#
_symmetry.space_group_name_H-M   'P 61 2 2'
#
loop_
_entity.id
_entity.type
_entity.pdbx_description
1 polymer 'TARTRATE-RESISTANT ACID PHOSPHATASE TYPE 5'
2 non-polymer 'FE (II) ION'
3 non-polymer 'ZINC ION'
4 non-polymer 'SULFATE ION'
5 water water
#
_entity_poly.entity_id   1
_entity_poly.type   'polypeptide(L)'
_entity_poly.pdbx_seq_one_letter_code
;ATPALRFVAVGDWGGVPNAPFHTAREMANAKEIARTVQILGADFILSLGDNFYFTGVQDINDKRFQETFEDVFSDRSLRK
VPWYVLAGNHDHLGNVSAQIAYSKISKRWNFPSPFYRLHFKIPQTNVSVAIFMLDTVTLCGNSDDFLSQQPERPRDVKLA
RTQLSWLKKQLAAAREDYVLVAGHYPVWSIAEHGPTHCLVKQLRPLLATYGVTAYLCGHDHNLQYLQDENGVGYVLSGAG
NFMDPSKRHQRKVPNGYLRFHYGTEDSLGGFAYVEISSKEMTVTYIEASGKSLFKTRLPRRARP
;
_entity_poly.pdbx_strand_id   X
#
# COMPACT_ATOMS: atom_id res chain seq x y z
N ALA A 1 27.81 2.47 2.62
CA ALA A 1 26.61 1.65 2.92
C ALA A 1 26.16 0.90 1.65
N THR A 2 25.23 -0.03 1.81
CA THR A 2 24.71 -0.82 0.68
C THR A 2 23.83 0.08 -0.19
N PRO A 3 24.12 0.17 -1.49
CA PRO A 3 23.26 0.98 -2.39
C PRO A 3 21.88 0.32 -2.41
N ALA A 4 20.85 1.12 -2.16
CA ALA A 4 19.50 0.56 -1.98
C ALA A 4 18.45 1.57 -2.30
N LEU A 5 17.30 1.10 -2.77
CA LEU A 5 16.12 1.93 -2.85
C LEU A 5 15.37 1.69 -1.54
N ARG A 6 14.94 2.78 -0.89
CA ARG A 6 14.30 2.74 0.42
C ARG A 6 12.96 3.45 0.40
N PHE A 7 11.92 2.78 0.92
CA PHE A 7 10.64 3.45 1.01
C PHE A 7 9.77 2.97 2.17
N VAL A 8 8.86 3.83 2.59
CA VAL A 8 7.84 3.46 3.54
C VAL A 8 6.60 3.10 2.77
N ALA A 9 5.92 2.03 3.18
CA ALA A 9 4.58 1.74 2.66
C ALA A 9 3.59 1.78 3.82
N VAL A 10 2.63 2.70 3.74
CA VAL A 10 1.68 2.93 4.81
C VAL A 10 0.29 2.89 4.21
N GLY A 11 -0.65 2.22 4.89
CA GLY A 11 -2.00 2.08 4.37
C GLY A 11 -3.04 2.59 5.35
N ASP A 12 -4.18 3.03 4.82
CA ASP A 12 -5.35 3.22 5.65
C ASP A 12 -5.07 4.22 6.76
N TRP A 13 -4.43 5.32 6.38
CA TRP A 13 -3.98 6.31 7.34
C TRP A 13 -4.96 7.50 7.47
N GLY A 14 -6.07 7.48 6.73
CA GLY A 14 -6.91 8.68 6.47
C GLY A 14 -7.68 9.37 7.59
N GLY A 15 -7.13 9.36 8.81
CA GLY A 15 -7.76 10.05 9.94
C GLY A 15 -9.23 9.71 10.16
N VAL A 16 -10.01 10.75 10.49
CA VAL A 16 -11.42 10.62 10.88
C VAL A 16 -12.16 11.87 10.44
N PRO A 17 -13.47 11.77 10.21
CA PRO A 17 -14.26 12.94 9.85
C PRO A 17 -14.68 13.83 11.05
N ASN A 18 -14.27 13.47 12.27
CA ASN A 18 -14.56 14.31 13.45
C ASN A 18 -13.32 15.17 13.78
N ALA A 19 -13.46 16.49 13.90
CA ALA A 19 -12.32 17.33 14.29
C ALA A 19 -11.77 16.78 15.60
N PRO A 20 -10.44 16.67 15.78
CA PRO A 20 -9.37 17.25 14.92
C PRO A 20 -8.97 16.53 13.58
N PHE A 21 -9.70 15.51 13.14
CA PHE A 21 -9.50 14.89 11.79
C PHE A 21 -8.30 13.96 11.67
N HIS A 22 -7.67 13.63 12.81
CA HIS A 22 -6.59 12.64 12.89
C HIS A 22 -6.82 11.80 14.14
N THR A 23 -6.23 10.61 14.17
CA THR A 23 -6.22 9.78 15.38
C THR A 23 -4.83 9.84 16.00
N ALA A 24 -4.71 9.47 17.27
CA ALA A 24 -3.40 9.40 17.89
C ALA A 24 -2.59 8.29 17.19
N ARG A 25 -3.27 7.30 16.61
CA ARG A 25 -2.56 6.31 15.78
C ARG A 25 -1.91 6.95 14.53
N GLU A 26 -2.68 7.73 13.78
CA GLU A 26 -2.12 8.45 12.63
C GLU A 26 -0.94 9.35 13.01
N MET A 27 -1.10 10.15 14.08
CA MET A 27 -0.02 11.03 14.57
C MET A 27 1.25 10.27 14.97
N ALA A 28 1.06 9.17 15.71
CA ALA A 28 2.18 8.28 16.10
C ALA A 28 2.93 7.70 14.88
N ASN A 29 2.18 7.17 13.92
CA ASN A 29 2.76 6.78 12.62
C ASN A 29 3.50 7.85 11.86
N ALA A 30 2.91 9.05 11.77
CA ALA A 30 3.60 10.18 11.14
C ALA A 30 4.94 10.44 11.85
N LYS A 31 4.89 10.43 13.18
CA LYS A 31 6.08 10.74 13.99
C LYS A 31 7.14 9.62 13.76
N GLU A 32 6.72 8.37 13.82
CA GLU A 32 7.65 7.25 13.59
C GLU A 32 8.14 7.17 12.12
N ILE A 33 7.28 7.50 11.16
CA ILE A 33 7.74 7.53 9.77
C ILE A 33 8.79 8.62 9.60
N ALA A 34 8.59 9.75 10.27
CA ALA A 34 9.56 10.85 10.22
C ALA A 34 10.90 10.44 10.79
N ARG A 35 10.88 9.74 11.94
CA ARG A 35 12.07 9.23 12.58
C ARG A 35 12.78 8.23 11.68
N THR A 36 12.01 7.32 11.06
CA THR A 36 12.55 6.35 10.11
C THR A 36 13.25 6.99 8.90
N VAL A 37 12.59 7.96 8.26
CA VAL A 37 13.15 8.66 7.12
C VAL A 37 14.43 9.37 7.56
N GLN A 38 14.37 10.05 8.69
CA GLN A 38 15.51 10.81 9.17
C GLN A 38 16.70 9.93 9.56
N ILE A 39 16.47 8.76 10.12
CA ILE A 39 17.64 8.03 10.56
C ILE A 39 18.04 6.84 9.67
N LEU A 40 17.07 6.23 8.99
CA LEU A 40 17.34 5.15 8.04
C LEU A 40 17.33 5.62 6.59
N GLY A 41 16.63 6.72 6.30
CA GLY A 41 16.53 7.23 4.92
C GLY A 41 15.34 6.65 4.18
N ALA A 42 14.77 7.43 3.27
CA ALA A 42 13.74 6.97 2.36
C ALA A 42 13.79 7.78 1.08
N ASP A 43 13.58 7.11 -0.05
CA ASP A 43 13.48 7.79 -1.33
C ASP A 43 12.07 8.28 -1.65
N PHE A 44 11.07 7.58 -1.11
CA PHE A 44 9.68 7.92 -1.36
C PHE A 44 8.79 7.21 -0.34
N ILE A 45 7.52 7.59 -0.29
CA ILE A 45 6.53 6.95 0.54
C ILE A 45 5.38 6.48 -0.35
N LEU A 46 4.89 5.26 -0.12
CA LEU A 46 3.72 4.79 -0.83
C LEU A 46 2.54 4.77 0.10
N SER A 47 1.44 5.39 -0.32
CA SER A 47 0.17 5.16 0.36
C SER A 47 -0.60 4.04 -0.30
N LEU A 48 -1.05 3.09 0.51
CA LEU A 48 -1.80 1.95 0.02
C LEU A 48 -3.32 2.16 0.10
N GLY A 49 -3.76 3.42 0.13
CA GLY A 49 -5.18 3.74 -0.05
C GLY A 49 -5.99 3.91 1.23
N ASP A 50 -7.23 4.39 1.08
CA ASP A 50 -8.03 4.89 2.20
C ASP A 50 -7.31 6.06 2.85
N ASN A 51 -7.08 7.08 2.03
CA ASN A 51 -6.36 8.29 2.41
C ASN A 51 -7.15 9.29 3.24
N PHE A 52 -8.48 9.28 3.11
CA PHE A 52 -9.38 10.14 3.91
C PHE A 52 -10.66 9.40 4.29
N TYR A 53 -10.85 9.20 5.58
CA TYR A 53 -12.00 8.43 6.08
C TYR A 53 -13.12 9.39 6.50
N PHE A 54 -14.41 9.02 6.32
CA PHE A 54 -14.87 7.76 5.73
C PHE A 54 -15.33 7.88 4.28
N THR A 55 -15.31 9.11 3.73
CA THR A 55 -15.82 9.30 2.37
C THR A 55 -14.91 10.14 1.51
N GLY A 56 -13.60 9.95 1.68
CA GLY A 56 -12.62 10.63 0.86
C GLY A 56 -12.70 12.14 0.99
N VAL A 57 -12.44 12.81 -0.12
CA VAL A 57 -12.50 14.27 -0.18
C VAL A 57 -13.46 14.70 -1.28
N GLN A 58 -14.05 15.87 -1.11
CA GLN A 58 -15.03 16.37 -2.07
C GLN A 58 -14.39 16.99 -3.30
N ASP A 59 -13.29 17.71 -3.11
CA ASP A 59 -12.69 18.55 -4.17
C ASP A 59 -11.38 19.11 -3.62
N ILE A 60 -10.66 19.92 -4.40
CA ILE A 60 -9.38 20.43 -3.94
C ILE A 60 -9.44 21.48 -2.82
N ASN A 61 -10.65 21.97 -2.49
CA ASN A 61 -10.82 22.89 -1.34
C ASN A 61 -11.07 22.14 -0.06
N ASP A 62 -11.06 20.82 -0.12
CA ASP A 62 -11.46 20.01 1.04
C ASP A 62 -10.45 20.19 2.18
N LYS A 63 -10.95 20.62 3.34
CA LYS A 63 -10.11 20.87 4.51
C LYS A 63 -9.34 19.64 4.95
N ARG A 64 -9.79 18.47 4.53
CA ARG A 64 -9.20 17.23 5.00
C ARG A 64 -7.78 17.10 4.48
N PHE A 65 -7.50 17.65 3.29
CA PHE A 65 -6.11 17.72 2.79
C PHE A 65 -5.17 18.38 3.81
N GLN A 66 -5.60 19.49 4.40
CA GLN A 66 -4.83 20.22 5.40
C GLN A 66 -4.79 19.46 6.71
N GLU A 67 -5.96 19.03 7.19
CA GLU A 67 -6.10 18.56 8.57
C GLU A 67 -5.59 17.14 8.76
N THR A 68 -5.93 16.28 7.80
CA THR A 68 -5.56 14.87 7.83
C THR A 68 -4.23 14.55 7.13
N PHE A 69 -3.85 15.33 6.12
CA PHE A 69 -2.56 15.10 5.46
C PHE A 69 -1.49 16.14 5.85
N GLU A 70 -1.63 17.41 5.43
CA GLU A 70 -0.55 18.40 5.69
C GLU A 70 -0.17 18.58 7.17
N ASP A 71 -1.18 18.70 8.04
CA ASP A 71 -0.96 18.96 9.47
C ASP A 71 -0.30 17.79 10.19
N VAL A 72 -0.54 16.57 9.71
CA VAL A 72 -0.04 15.34 10.34
C VAL A 72 1.38 14.98 9.87
N PHE A 73 1.56 14.91 8.53
CA PHE A 73 2.85 14.56 7.92
C PHE A 73 3.59 15.84 7.60
N SER A 74 3.84 16.63 8.65
CA SER A 74 4.35 17.98 8.50
C SER A 74 5.86 18.12 8.77
N ASP A 75 6.49 17.12 9.34
CA ASP A 75 7.95 17.16 9.52
C ASP A 75 8.62 17.51 8.19
N ARG A 76 9.62 18.38 8.22
CA ARG A 76 10.31 18.79 6.98
C ARG A 76 10.83 17.63 6.12
N SER A 77 11.22 16.53 6.76
CA SER A 77 11.73 15.35 6.08
C SER A 77 10.71 14.52 5.32
N LEU A 78 9.44 14.56 5.72
CA LEU A 78 8.40 13.82 5.01
C LEU A 78 7.86 14.66 3.89
N ARG A 79 8.24 15.94 3.95
CA ARG A 79 7.86 16.93 2.96
C ARG A 79 8.86 16.93 1.82
N LYS A 80 10.08 16.50 2.10
CA LYS A 80 11.14 16.48 1.09
C LYS A 80 11.19 15.16 0.34
N VAL A 81 10.31 14.24 0.71
CA VAL A 81 10.23 12.93 0.06
C VAL A 81 8.88 12.86 -0.68
N PRO A 82 8.88 12.41 -1.94
CA PRO A 82 7.63 12.26 -2.67
C PRO A 82 6.76 11.13 -2.14
N TRP A 83 5.45 11.32 -2.27
CA TRP A 83 4.48 10.30 -1.96
C TRP A 83 3.91 9.81 -3.26
N TYR A 84 3.78 8.50 -3.43
CA TYR A 84 3.01 8.00 -4.56
C TYR A 84 1.76 7.35 -4.00
N VAL A 85 0.63 7.79 -4.53
CA VAL A 85 -0.65 7.47 -3.89
C VAL A 85 -1.55 6.61 -4.80
N LEU A 86 -2.35 5.74 -4.17
CA LEU A 86 -3.46 5.11 -4.87
C LEU A 86 -4.68 5.15 -3.98
N ALA A 87 -5.85 4.75 -4.49
CA ALA A 87 -7.12 4.88 -3.77
C ALA A 87 -7.69 3.59 -3.18
N GLY A 88 -8.41 3.71 -2.05
CA GLY A 88 -9.22 2.63 -1.52
C GLY A 88 -10.70 2.90 -1.68
N ASN A 89 -11.55 2.04 -1.13
CA ASN A 89 -13.00 2.22 -1.27
C ASN A 89 -13.49 3.51 -0.68
N HIS A 90 -12.91 3.93 0.44
CA HIS A 90 -13.39 5.15 1.08
C HIS A 90 -13.02 6.39 0.28
N ASP A 91 -11.91 6.33 -0.45
CA ASP A 91 -11.59 7.41 -1.38
C ASP A 91 -12.65 7.49 -2.47
N HIS A 92 -13.10 6.33 -2.94
CA HIS A 92 -14.10 6.23 -4.02
C HIS A 92 -15.52 6.60 -3.56
N LEU A 93 -15.74 6.68 -2.26
CA LEU A 93 -17.01 7.23 -1.73
C LEU A 93 -17.05 8.76 -1.82
N GLY A 94 -15.90 9.38 -2.07
CA GLY A 94 -15.86 10.80 -2.46
C GLY A 94 -15.42 10.98 -3.89
N ASN A 95 -14.66 12.03 -4.15
CA ASN A 95 -14.18 12.35 -5.48
C ASN A 95 -12.69 12.01 -5.58
N VAL A 96 -12.37 10.96 -6.35
CA VAL A 96 -10.99 10.53 -6.55
C VAL A 96 -10.26 11.53 -7.43
N SER A 97 -10.98 12.11 -8.39
CA SER A 97 -10.50 13.26 -9.16
C SER A 97 -9.81 14.32 -8.33
N ALA A 98 -10.41 14.65 -7.18
CA ALA A 98 -9.85 15.68 -6.28
C ALA A 98 -8.46 15.28 -5.80
N GLN A 99 -8.31 14.02 -5.40
CA GLN A 99 -6.99 13.53 -4.95
C GLN A 99 -5.97 13.52 -6.09
N ILE A 100 -6.44 13.18 -7.30
CA ILE A 100 -5.58 13.28 -8.48
C ILE A 100 -5.16 14.74 -8.73
N ALA A 101 -6.13 15.66 -8.74
CA ALA A 101 -5.86 17.09 -8.95
C ALA A 101 -4.94 17.69 -7.88
N TYR A 102 -4.99 17.16 -6.66
CA TYR A 102 -4.11 17.65 -5.59
C TYR A 102 -2.62 17.53 -5.95
N SER A 103 -2.30 16.62 -6.87
CA SER A 103 -0.95 16.52 -7.48
C SER A 103 -0.46 17.83 -8.13
N LYS A 104 -1.39 18.69 -8.55
CA LYS A 104 -1.06 20.02 -9.13
C LYS A 104 -0.84 21.11 -8.10
N ILE A 105 -1.18 20.81 -6.84
CA ILE A 105 -1.13 21.79 -5.74
C ILE A 105 0.08 21.52 -4.84
N SER A 106 0.28 20.25 -4.47
CA SER A 106 1.35 19.81 -3.58
C SER A 106 2.51 19.25 -4.40
N LYS A 107 3.74 19.64 -4.10
CA LYS A 107 4.89 19.10 -4.82
C LYS A 107 5.09 17.59 -4.56
N ARG A 108 5.04 17.19 -3.29
CA ARG A 108 5.28 15.82 -2.85
C ARG A 108 4.14 14.82 -3.17
N TRP A 109 2.90 15.29 -3.32
CA TRP A 109 1.77 14.37 -3.49
C TRP A 109 1.71 14.00 -4.95
N ASN A 110 1.95 12.73 -5.28
CA ASN A 110 1.84 12.27 -6.66
C ASN A 110 0.76 11.23 -6.82
N PHE A 111 -0.28 11.58 -7.55
CA PHE A 111 -1.40 10.68 -7.80
C PHE A 111 -1.83 11.04 -9.21
N PRO A 112 -1.08 10.60 -10.22
CA PRO A 112 -1.30 11.09 -11.60
C PRO A 112 -2.58 10.57 -12.27
N SER A 113 -3.06 9.40 -11.84
CA SER A 113 -4.28 8.78 -12.36
C SER A 113 -4.55 7.57 -11.46
N PRO A 114 -5.71 6.92 -11.59
CA PRO A 114 -6.10 5.85 -10.65
C PRO A 114 -5.15 4.65 -10.66
N PHE A 115 -4.58 4.34 -11.84
CA PHE A 115 -3.54 3.32 -11.94
C PHE A 115 -2.43 3.82 -12.85
N TYR A 116 -1.20 3.42 -12.55
CA TYR A 116 -0.04 3.99 -13.24
C TYR A 116 1.19 3.18 -12.92
N ARG A 117 2.23 3.37 -13.73
CA ARG A 117 3.50 2.68 -13.56
C ARG A 117 4.54 3.60 -12.93
N LEU A 118 5.34 3.08 -12.01
CA LEU A 118 6.47 3.85 -11.50
C LEU A 118 7.73 3.08 -11.84
N HIS A 119 8.78 3.82 -12.18
CA HIS A 119 10.08 3.21 -12.51
C HIS A 119 11.19 3.92 -11.72
N PHE A 120 12.00 3.14 -11.03
CA PHE A 120 13.09 3.68 -10.23
C PHE A 120 14.38 2.96 -10.57
N LYS A 121 15.49 3.65 -10.37
CA LYS A 121 16.81 3.02 -10.46
C LYS A 121 17.50 3.11 -9.08
N ILE A 122 18.03 2.01 -8.56
CA ILE A 122 18.85 2.09 -7.36
C ILE A 122 20.12 2.89 -7.65
N PRO A 123 20.35 4.00 -6.94
CA PRO A 123 21.49 4.90 -7.23
C PRO A 123 22.81 4.19 -7.12
N GLN A 124 23.72 4.51 -8.04
CA GLN A 124 25.04 3.90 -8.11
C GLN A 124 24.99 2.44 -8.57
N THR A 125 23.87 2.02 -9.16
CA THR A 125 23.78 0.67 -9.73
C THR A 125 23.06 0.73 -11.07
N ASN A 126 22.94 -0.40 -11.76
CA ASN A 126 22.06 -0.49 -12.93
C ASN A 126 20.73 -1.17 -12.59
N VAL A 127 20.47 -1.34 -11.30
CA VAL A 127 19.36 -2.16 -10.82
C VAL A 127 18.09 -1.29 -10.80
N SER A 128 17.09 -1.69 -11.55
CA SER A 128 15.84 -0.91 -11.66
C SER A 128 14.66 -1.60 -10.97
N VAL A 129 13.67 -0.80 -10.55
CA VAL A 129 12.50 -1.28 -9.83
C VAL A 129 11.27 -0.67 -10.48
N ALA A 130 10.32 -1.51 -10.90
CA ALA A 130 9.02 -1.01 -11.33
C ALA A 130 7.99 -1.21 -10.23
N ILE A 131 7.10 -0.25 -10.05
CA ILE A 131 5.97 -0.48 -9.14
C ILE A 131 4.73 -0.12 -9.89
N PHE A 132 3.82 -1.07 -10.03
CA PHE A 132 2.52 -0.82 -10.66
C PHE A 132 1.48 -0.59 -9.58
N MET A 133 0.93 0.63 -9.61
CA MET A 133 -0.05 1.09 -8.65
C MET A 133 -1.42 0.87 -9.23
N LEU A 134 -2.28 0.16 -8.51
CA LEU A 134 -3.55 -0.29 -9.05
C LEU A 134 -4.70 0.41 -8.39
N ASP A 135 -5.83 0.47 -9.09
CA ASP A 135 -7.07 0.86 -8.46
C ASP A 135 -7.95 -0.36 -8.32
N THR A 136 -7.91 -1.00 -7.15
CA THR A 136 -8.63 -2.28 -7.01
C THR A 136 -10.13 -2.08 -6.85
N VAL A 137 -10.52 -0.85 -6.52
CA VAL A 137 -11.95 -0.53 -6.44
C VAL A 137 -12.59 -0.61 -7.84
N THR A 138 -11.98 0.03 -8.84
CA THR A 138 -12.55 -0.03 -10.22
C THR A 138 -12.33 -1.40 -10.84
N LEU A 139 -11.37 -2.14 -10.32
CA LEU A 139 -11.07 -3.46 -10.81
C LEU A 139 -12.09 -4.46 -10.26
N CYS A 140 -12.36 -4.37 -8.96
CA CYS A 140 -13.16 -5.40 -8.26
C CYS A 140 -14.54 -4.93 -7.79
N GLY A 141 -14.73 -3.63 -7.63
CA GLY A 141 -15.96 -3.11 -7.05
C GLY A 141 -15.72 -2.52 -5.66
N ASN A 142 -16.79 -1.95 -5.11
CA ASN A 142 -16.75 -1.32 -3.77
C ASN A 142 -16.74 -2.33 -2.66
N SER A 143 -15.98 -2.06 -1.60
CA SER A 143 -15.85 -2.92 -0.43
C SER A 143 -15.62 -2.01 0.76
N ASP A 144 -16.69 -1.78 1.53
CA ASP A 144 -16.73 -0.87 2.69
C ASP A 144 -15.91 -1.47 3.81
N ASP A 145 -15.03 -0.67 4.41
CA ASP A 145 -14.16 -1.16 5.45
C ASP A 145 -14.97 -1.78 6.60
N PHE A 146 -16.18 -1.26 6.83
CA PHE A 146 -16.90 -1.55 8.06
C PHE A 146 -18.08 -2.50 7.83
N LEU A 147 -18.07 -3.11 6.65
CA LEU A 147 -18.91 -4.25 6.33
C LEU A 147 -18.04 -5.44 5.89
N SER A 148 -18.64 -6.63 5.84
CA SER A 148 -17.90 -7.80 5.41
C SER A 148 -18.29 -8.16 3.99
N GLN A 149 -18.02 -7.24 3.07
CA GLN A 149 -18.32 -7.46 1.67
C GLN A 149 -17.10 -8.04 0.98
N GLN A 150 -17.38 -8.76 -0.09
CA GLN A 150 -16.44 -8.96 -1.15
C GLN A 150 -16.84 -7.90 -2.16
N PRO A 151 -15.86 -7.17 -2.73
CA PRO A 151 -16.17 -6.33 -3.87
C PRO A 151 -16.68 -7.25 -4.97
N GLU A 152 -18.00 -7.26 -5.15
CA GLU A 152 -18.66 -8.24 -6.03
C GLU A 152 -18.13 -8.17 -7.45
N ARG A 153 -18.54 -7.11 -8.17
CA ARG A 153 -18.05 -6.81 -9.51
C ARG A 153 -18.10 -5.29 -9.74
N PRO A 154 -17.23 -4.77 -10.60
CA PRO A 154 -17.07 -3.33 -10.76
C PRO A 154 -18.30 -2.62 -11.34
N ARG A 155 -18.44 -1.36 -10.94
CA ARG A 155 -19.41 -0.43 -11.47
C ARG A 155 -19.31 -0.36 -13.01
N ASP A 156 -18.08 -0.20 -13.50
CA ASP A 156 -17.82 -0.11 -14.94
C ASP A 156 -16.93 -1.27 -15.43
N VAL A 157 -17.57 -2.27 -16.04
CA VAL A 157 -16.91 -3.50 -16.46
C VAL A 157 -15.82 -3.24 -17.50
N LYS A 158 -16.08 -2.28 -18.39
CA LYS A 158 -15.13 -1.91 -19.45
C LYS A 158 -13.87 -1.29 -18.87
N LEU A 159 -14.04 -0.49 -17.83
CA LEU A 159 -12.92 0.13 -17.11
C LEU A 159 -12.14 -0.93 -16.33
N ALA A 160 -12.83 -1.88 -15.73
CA ALA A 160 -12.17 -2.99 -15.05
C ALA A 160 -11.32 -3.80 -16.03
N ARG A 161 -11.89 -4.14 -17.20
CA ARG A 161 -11.17 -4.88 -18.24
C ARG A 161 -9.97 -4.13 -18.78
N THR A 162 -10.14 -2.83 -19.04
CA THR A 162 -9.04 -1.96 -19.48
C THR A 162 -7.85 -1.98 -18.51
N GLN A 163 -8.14 -1.88 -17.21
CA GLN A 163 -7.07 -1.85 -16.20
C GLN A 163 -6.37 -3.20 -16.15
N LEU A 164 -7.14 -4.28 -16.15
CA LEU A 164 -6.56 -5.61 -16.06
C LEU A 164 -5.66 -5.91 -17.27
N SER A 165 -6.14 -5.50 -18.43
CA SER A 165 -5.42 -5.67 -19.68
C SER A 165 -4.12 -4.82 -19.75
N TRP A 166 -4.24 -3.56 -19.35
CA TRP A 166 -3.09 -2.67 -19.17
C TRP A 166 -2.06 -3.30 -18.23
N LEU A 167 -2.53 -3.93 -17.14
CA LEU A 167 -1.61 -4.49 -16.17
C LEU A 167 -0.90 -5.74 -16.72
N LYS A 168 -1.65 -6.58 -17.41
CA LYS A 168 -1.10 -7.79 -18.01
C LYS A 168 0.04 -7.46 -18.97
N LYS A 169 -0.22 -6.49 -19.84
CA LYS A 169 0.79 -5.99 -20.77
C LYS A 169 1.98 -5.35 -20.06
N GLN A 170 1.72 -4.47 -19.09
CA GLN A 170 2.82 -3.88 -18.29
C GLN A 170 3.69 -4.97 -17.65
N LEU A 171 3.08 -5.98 -17.05
CA LEU A 171 3.86 -7.01 -16.36
C LEU A 171 4.64 -7.86 -17.36
N ALA A 172 3.98 -8.26 -18.43
CA ALA A 172 4.62 -9.02 -19.49
C ALA A 172 5.81 -8.29 -20.07
N ALA A 173 5.67 -6.98 -20.28
CA ALA A 173 6.69 -6.12 -20.91
C ALA A 173 7.83 -5.68 -20.01
N ALA A 174 7.60 -5.71 -18.70
CA ALA A 174 8.49 -5.07 -17.74
C ALA A 174 9.88 -5.68 -17.72
N ARG A 175 10.90 -4.85 -17.95
CA ARG A 175 12.27 -5.36 -17.97
C ARG A 175 13.03 -5.04 -16.69
N GLU A 176 12.35 -4.48 -15.69
CA GLU A 176 13.02 -4.07 -14.45
C GLU A 176 13.55 -5.31 -13.67
N ASP A 177 14.61 -5.10 -12.89
CA ASP A 177 15.19 -6.16 -12.05
C ASP A 177 14.24 -6.66 -10.94
N TYR A 178 13.50 -5.72 -10.32
CA TYR A 178 12.43 -6.07 -9.38
C TYR A 178 11.15 -5.45 -9.90
N VAL A 179 10.05 -6.18 -9.77
CA VAL A 179 8.73 -5.62 -10.09
C VAL A 179 7.87 -5.80 -8.86
N LEU A 180 7.23 -4.72 -8.44
CA LEU A 180 6.27 -4.75 -7.34
C LEU A 180 4.92 -4.31 -7.87
N VAL A 181 3.85 -4.81 -7.26
CA VAL A 181 2.53 -4.40 -7.62
C VAL A 181 1.91 -3.95 -6.31
N ALA A 182 1.16 -2.85 -6.35
CA ALA A 182 0.52 -2.31 -5.18
C ALA A 182 -0.93 -1.99 -5.47
N GLY A 183 -1.80 -2.24 -4.49
CA GLY A 183 -3.22 -1.92 -4.62
C GLY A 183 -3.86 -1.95 -3.25
N HIS A 184 -5.09 -1.46 -3.15
CA HIS A 184 -5.69 -1.33 -1.82
C HIS A 184 -6.12 -2.68 -1.22
N TYR A 185 -6.99 -3.41 -1.93
CA TYR A 185 -7.50 -4.72 -1.51
C TYR A 185 -6.42 -5.81 -1.50
N PRO A 186 -6.50 -6.72 -0.51
CA PRO A 186 -5.56 -7.84 -0.42
C PRO A 186 -5.82 -8.94 -1.45
N VAL A 187 -4.75 -9.59 -1.91
CA VAL A 187 -4.88 -10.91 -2.56
C VAL A 187 -5.16 -11.93 -1.43
N TRP A 188 -4.16 -12.12 -0.57
CA TRP A 188 -4.31 -12.92 0.65
C TRP A 188 -4.31 -12.03 1.89
N SER A 189 -5.22 -12.34 2.83
CA SER A 189 -5.21 -11.77 4.17
C SER A 189 -5.97 -12.70 5.13
N ILE A 190 -5.49 -12.82 6.37
CA ILE A 190 -6.17 -13.69 7.36
C ILE A 190 -7.23 -12.94 8.17
N ALA A 191 -7.40 -11.65 7.87
CA ALA A 191 -8.10 -10.72 8.77
C ALA A 191 -9.58 -10.42 8.45
N GLU A 192 -10.05 -9.21 8.75
CA GLU A 192 -11.50 -8.96 8.81
C GLU A 192 -12.16 -9.15 7.44
N HIS A 193 -11.55 -8.60 6.39
CA HIS A 193 -12.07 -8.78 5.02
C HIS A 193 -11.52 -10.04 4.37
N GLY A 194 -10.27 -10.39 4.68
CA GLY A 194 -9.66 -11.61 4.13
C GLY A 194 -9.33 -11.47 2.64
N PRO A 195 -9.03 -12.59 1.98
CA PRO A 195 -8.62 -12.56 0.58
C PRO A 195 -9.71 -11.97 -0.30
N THR A 196 -9.32 -11.11 -1.26
CA THR A 196 -10.28 -10.58 -2.23
C THR A 196 -10.42 -11.58 -3.39
N HIS A 197 -11.59 -12.19 -3.51
CA HIS A 197 -11.82 -13.22 -4.49
C HIS A 197 -11.47 -12.75 -5.89
N CYS A 198 -11.94 -11.56 -6.26
CA CYS A 198 -11.59 -10.92 -7.55
C CYS A 198 -10.07 -10.90 -7.82
N LEU A 199 -9.28 -10.58 -6.81
CA LEU A 199 -7.83 -10.52 -6.97
C LEU A 199 -7.16 -11.88 -6.96
N VAL A 200 -7.69 -12.81 -6.17
CA VAL A 200 -7.20 -14.19 -6.18
C VAL A 200 -7.38 -14.76 -7.60
N LYS A 201 -8.48 -14.42 -8.27
CA LYS A 201 -8.74 -14.97 -9.60
C LYS A 201 -7.98 -14.17 -10.68
N GLN A 202 -8.05 -12.84 -10.63
CA GLN A 202 -7.55 -12.02 -11.73
C GLN A 202 -6.07 -11.59 -11.60
N LEU A 203 -5.58 -11.42 -10.38
CA LEU A 203 -4.26 -10.82 -10.18
C LEU A 203 -3.21 -11.82 -9.75
N ARG A 204 -3.56 -12.66 -8.78
CA ARG A 204 -2.64 -13.66 -8.30
C ARG A 204 -1.87 -14.40 -9.41
N PRO A 205 -2.53 -14.90 -10.45
CA PRO A 205 -1.83 -15.72 -11.47
C PRO A 205 -0.83 -14.92 -12.31
N LEU A 206 -0.99 -13.59 -12.38
CA LEU A 206 -0.03 -12.74 -13.05
C LEU A 206 1.28 -12.62 -12.27
N LEU A 207 1.19 -12.76 -10.94
CA LEU A 207 2.28 -12.37 -10.07
C LEU A 207 3.49 -13.28 -10.18
N ALA A 208 3.26 -14.57 -9.98
CA ALA A 208 4.36 -15.53 -10.13
C ALA A 208 4.82 -15.63 -11.58
N THR A 209 3.87 -15.66 -12.52
CA THR A 209 4.16 -15.81 -13.94
C THR A 209 5.14 -14.75 -14.49
N TYR A 210 4.99 -13.52 -14.02
CA TYR A 210 5.84 -12.42 -14.49
C TYR A 210 6.91 -12.01 -13.50
N GLY A 211 7.21 -12.91 -12.56
CA GLY A 211 8.32 -12.67 -11.62
C GLY A 211 8.15 -11.41 -10.77
N VAL A 212 6.97 -11.29 -10.15
CA VAL A 212 6.69 -10.15 -9.26
C VAL A 212 7.22 -10.53 -7.89
N THR A 213 8.03 -9.65 -7.30
CA THR A 213 8.62 -9.95 -6.00
C THR A 213 7.55 -9.94 -4.90
N ALA A 214 6.67 -8.92 -4.95
CA ALA A 214 5.65 -8.79 -3.93
C ALA A 214 4.48 -7.95 -4.39
N TYR A 215 3.33 -8.20 -3.77
CA TYR A 215 2.15 -7.39 -3.90
C TYR A 215 2.00 -6.69 -2.55
N LEU A 216 1.81 -5.37 -2.58
CA LEU A 216 1.62 -4.56 -1.37
C LEU A 216 0.18 -4.07 -1.35
N CYS A 217 -0.47 -4.12 -0.18
CA CYS A 217 -1.82 -3.64 -0.03
C CYS A 217 -2.10 -3.18 1.43
N GLY A 218 -3.33 -2.73 1.66
CA GLY A 218 -3.80 -2.47 3.03
C GLY A 218 -5.19 -3.08 3.15
N HIS A 219 -6.18 -2.23 3.44
CA HIS A 219 -7.62 -2.59 3.56
C HIS A 219 -8.00 -3.37 4.84
N ASP A 220 -7.25 -4.43 5.16
CA ASP A 220 -7.38 -5.02 6.47
C ASP A 220 -6.49 -4.20 7.37
N HIS A 221 -7.04 -3.81 8.52
CA HIS A 221 -6.41 -2.78 9.36
C HIS A 221 -5.43 -3.42 10.34
N ASN A 222 -4.32 -3.92 9.81
CA ASN A 222 -3.31 -4.66 10.61
C ASN A 222 -2.06 -4.79 9.74
N LEU A 223 -1.08 -5.54 10.20
CA LEU A 223 0.16 -5.75 9.49
C LEU A 223 0.27 -7.25 9.29
N GLN A 224 0.56 -7.66 8.05
CA GLN A 224 0.77 -9.08 7.75
C GLN A 224 1.88 -9.25 6.74
N TYR A 225 2.62 -10.34 6.89
CA TYR A 225 3.46 -10.81 5.80
C TYR A 225 3.11 -12.24 5.49
N LEU A 226 2.78 -12.49 4.22
CA LEU A 226 2.50 -13.83 3.70
C LEU A 226 3.38 -14.10 2.47
N GLN A 227 3.66 -15.38 2.19
CA GLN A 227 4.50 -15.74 1.05
C GLN A 227 4.01 -17.04 0.42
N ASP A 228 3.84 -17.06 -0.89
CA ASP A 228 3.24 -18.24 -1.52
C ASP A 228 4.28 -19.26 -2.01
N GLU A 229 3.84 -20.37 -2.63
CA GLU A 229 4.75 -21.46 -3.07
C GLU A 229 5.67 -21.08 -4.22
N ASN A 230 5.39 -19.96 -4.89
CA ASN A 230 6.30 -19.43 -5.90
C ASN A 230 7.19 -18.34 -5.35
N GLY A 231 7.17 -18.13 -4.02
CA GLY A 231 8.07 -17.15 -3.42
C GLY A 231 7.60 -15.70 -3.53
N VAL A 232 6.40 -15.49 -4.08
CA VAL A 232 5.80 -14.14 -4.16
C VAL A 232 5.46 -13.64 -2.76
N GLY A 233 5.96 -12.46 -2.37
CA GLY A 233 5.58 -11.84 -1.10
C GLY A 233 4.26 -11.08 -1.13
N TYR A 234 3.56 -11.08 0.01
CA TYR A 234 2.35 -10.28 0.23
C TYR A 234 2.59 -9.39 1.44
N VAL A 235 2.85 -8.12 1.19
CA VAL A 235 3.07 -7.14 2.26
C VAL A 235 1.75 -6.43 2.46
N LEU A 236 1.13 -6.66 3.63
CA LEU A 236 -0.12 -6.03 4.01
C LEU A 236 0.19 -4.99 5.09
N SER A 237 -0.12 -3.73 4.78
CA SER A 237 0.25 -2.65 5.66
C SER A 237 -0.92 -1.70 5.70
N GLY A 238 -1.90 -2.01 6.56
CA GLY A 238 -3.12 -1.19 6.67
C GLY A 238 -3.36 -0.63 8.05
N ALA A 239 -2.26 -0.32 8.75
CA ALA A 239 -2.35 0.07 10.18
C ALA A 239 -1.86 1.47 10.44
N GLY A 240 -1.99 2.36 9.48
CA GLY A 240 -1.61 3.76 9.71
C GLY A 240 -2.53 4.59 10.60
N ASN A 241 -3.73 4.08 10.94
CA ASN A 241 -4.78 4.93 11.54
C ASN A 241 -5.73 4.17 12.46
N PHE A 242 -6.07 2.94 12.07
CA PHE A 242 -6.98 2.04 12.82
C PHE A 242 -6.28 0.72 13.03
N MET A 243 -6.77 -0.06 13.99
CA MET A 243 -6.29 -1.43 14.20
C MET A 243 -7.50 -2.35 14.26
N ASP A 244 -7.35 -3.56 13.74
CA ASP A 244 -8.41 -4.55 13.82
C ASP A 244 -7.73 -5.90 14.08
N PRO A 245 -8.07 -6.52 15.22
CA PRO A 245 -7.43 -7.78 15.67
C PRO A 245 -7.98 -9.04 15.04
N SER A 246 -9.01 -8.91 14.20
CA SER A 246 -9.64 -10.04 13.54
C SER A 246 -8.66 -11.00 12.88
N LYS A 247 -8.94 -12.29 13.06
CA LYS A 247 -8.30 -13.38 12.33
C LYS A 247 -9.39 -14.19 11.66
N ARG A 248 -10.50 -13.52 11.36
CA ARG A 248 -11.70 -14.15 10.81
C ARG A 248 -11.45 -15.03 9.59
N HIS A 249 -10.47 -14.67 8.74
CA HIS A 249 -10.27 -15.37 7.48
C HIS A 249 -9.02 -16.24 7.44
N GLN A 250 -8.44 -16.50 8.60
CA GLN A 250 -7.25 -17.33 8.74
C GLN A 250 -7.36 -18.65 7.98
N ARG A 251 -8.56 -19.23 7.93
CA ARG A 251 -8.79 -20.53 7.27
C ARG A 251 -9.02 -20.43 5.79
N LYS A 252 -9.21 -19.20 5.30
CA LYS A 252 -9.38 -18.95 3.87
C LYS A 252 -8.05 -18.73 3.15
N VAL A 253 -6.96 -18.77 3.90
CA VAL A 253 -5.63 -18.58 3.32
C VAL A 253 -4.92 -19.94 3.32
N PRO A 254 -4.38 -20.35 2.17
CA PRO A 254 -3.69 -21.64 2.06
C PRO A 254 -2.66 -21.81 3.15
N ASN A 255 -2.63 -23.02 3.67
CA ASN A 255 -1.66 -23.43 4.64
C ASN A 255 -0.21 -23.11 4.29
N GLY A 256 0.55 -22.58 5.24
CA GLY A 256 1.95 -22.19 4.99
C GLY A 256 2.22 -20.77 4.46
N TYR A 257 1.19 -20.05 4.05
CA TYR A 257 1.37 -18.71 3.47
C TYR A 257 1.70 -17.66 4.54
N LEU A 258 0.89 -17.61 5.60
CA LEU A 258 1.04 -16.60 6.65
C LEU A 258 2.38 -16.79 7.30
N ARG A 259 3.17 -15.73 7.34
CA ARG A 259 4.45 -15.75 8.04
C ARG A 259 4.40 -14.87 9.29
N PHE A 260 3.63 -13.79 9.21
CA PHE A 260 3.59 -12.79 10.27
C PHE A 260 2.26 -12.02 10.24
N HIS A 261 1.69 -11.85 11.43
CA HIS A 261 0.49 -11.06 11.61
C HIS A 261 0.63 -10.27 12.89
N TYR A 262 0.23 -9.00 12.86
CA TYR A 262 0.15 -8.18 14.06
C TYR A 262 -1.15 -7.36 14.01
N GLY A 263 -2.04 -7.61 14.96
CA GLY A 263 -3.34 -6.93 15.05
C GLY A 263 -3.75 -6.53 16.46
N THR A 264 -2.78 -6.42 17.35
CA THR A 264 -2.98 -6.10 18.76
C THR A 264 -3.86 -4.87 18.99
N GLU A 265 -4.94 -5.06 19.75
CA GLU A 265 -5.88 -3.97 20.07
C GLU A 265 -5.22 -2.73 20.68
N ASP A 266 -4.23 -2.93 21.54
CA ASP A 266 -3.64 -1.78 22.21
C ASP A 266 -2.39 -1.20 21.52
N SER A 267 -2.18 -1.53 20.26
CA SER A 267 -1.12 -0.98 19.44
C SER A 267 -1.47 0.38 18.86
N LEU A 268 -0.46 1.20 18.64
CA LEU A 268 -0.64 2.47 17.94
C LEU A 268 -0.72 2.24 16.40
N GLY A 269 -0.62 0.98 15.99
CA GLY A 269 -0.59 0.65 14.55
C GLY A 269 0.85 0.60 14.08
N GLY A 270 1.04 0.77 12.77
CA GLY A 270 2.38 0.69 12.19
C GLY A 270 2.43 0.69 10.66
N PHE A 271 3.61 0.38 10.12
CA PHE A 271 3.87 0.53 8.69
C PHE A 271 5.01 -0.41 8.27
N ALA A 272 5.27 -0.46 6.97
CA ALA A 272 6.37 -1.28 6.46
C ALA A 272 7.49 -0.41 5.87
N TYR A 273 8.72 -0.82 6.14
CA TYR A 273 9.88 -0.13 5.62
C TYR A 273 10.56 -1.10 4.66
N VAL A 274 10.70 -0.67 3.41
CA VAL A 274 11.21 -1.58 2.37
C VAL A 274 12.56 -1.07 1.88
N GLU A 275 13.52 -1.98 1.76
CA GLU A 275 14.86 -1.70 1.27
C GLU A 275 15.15 -2.70 0.16
N ILE A 276 15.55 -2.18 -1.00
CA ILE A 276 15.81 -3.03 -2.16
C ILE A 276 17.24 -2.79 -2.61
N SER A 277 18.08 -3.81 -2.53
CA SER A 277 19.44 -3.73 -3.04
C SER A 277 19.58 -4.73 -4.19
N SER A 278 20.79 -4.83 -4.77
CA SER A 278 21.02 -5.76 -5.89
C SER A 278 20.91 -7.21 -5.44
N LYS A 279 20.90 -7.41 -4.12
CA LYS A 279 20.89 -8.75 -3.55
C LYS A 279 19.50 -9.24 -3.18
N GLU A 280 18.71 -8.38 -2.54
CA GLU A 280 17.42 -8.77 -1.94
C GLU A 280 16.52 -7.54 -1.71
N MET A 281 15.24 -7.80 -1.53
CA MET A 281 14.33 -6.81 -0.97
C MET A 281 14.06 -7.25 0.47
N THR A 282 14.35 -6.40 1.44
CA THR A 282 13.93 -6.68 2.81
C THR A 282 12.72 -5.81 3.17
N VAL A 283 11.83 -6.37 3.98
CA VAL A 283 10.67 -5.66 4.46
C VAL A 283 10.73 -5.70 5.98
N THR A 284 10.77 -4.51 6.59
CA THR A 284 10.77 -4.42 8.04
C THR A 284 9.46 -3.79 8.48
N TYR A 285 8.72 -4.50 9.34
CA TYR A 285 7.46 -3.99 9.88
C TYR A 285 7.76 -3.30 11.19
N ILE A 286 7.35 -2.04 11.28
CA ILE A 286 7.68 -1.14 12.40
C ILE A 286 6.39 -0.65 13.06
N GLU A 287 6.27 -0.88 14.36
CA GLU A 287 5.14 -0.43 15.15
C GLU A 287 5.33 1.06 15.42
N ALA A 288 4.23 1.79 15.51
CA ALA A 288 4.30 3.24 15.69
C ALA A 288 4.99 3.67 16.98
N SER A 289 5.11 2.77 17.95
CA SER A 289 5.83 3.04 19.18
C SER A 289 7.32 3.04 18.90
N GLY A 290 7.73 2.54 17.74
CA GLY A 290 9.14 2.50 17.36
C GLY A 290 9.80 1.13 17.44
N LYS A 291 9.01 0.09 17.64
CA LYS A 291 9.56 -1.24 17.74
C LYS A 291 9.54 -1.94 16.39
N SER A 292 10.66 -2.56 16.04
CA SER A 292 10.70 -3.52 14.93
C SER A 292 9.93 -4.78 15.30
N LEU A 293 8.96 -5.14 14.46
CA LEU A 293 8.10 -6.27 14.77
C LEU A 293 8.49 -7.55 14.02
N PHE A 294 9.05 -7.38 12.81
CA PHE A 294 9.28 -8.49 11.90
C PHE A 294 10.12 -8.00 10.73
N LYS A 295 11.04 -8.84 10.30
CA LYS A 295 11.87 -8.53 9.17
C LYS A 295 11.93 -9.76 8.29
N THR A 296 11.73 -9.56 7.01
CA THR A 296 11.83 -10.68 6.10
C THR A 296 12.63 -10.31 4.84
N ARG A 297 13.21 -11.32 4.19
CA ARG A 297 14.09 -11.10 3.04
C ARG A 297 13.60 -11.84 1.81
N LEU A 298 13.46 -11.12 0.70
CA LEU A 298 13.09 -11.71 -0.57
C LEU A 298 14.27 -11.60 -1.56
N PRO A 299 14.90 -12.72 -1.92
CA PRO A 299 16.11 -12.67 -2.74
C PRO A 299 15.72 -12.15 -4.12
N ARG A 300 16.66 -11.47 -4.75
CA ARG A 300 16.54 -11.06 -6.14
C ARG A 300 16.33 -12.29 -7.00
N ARG A 301 15.40 -12.23 -7.93
CA ARG A 301 15.21 -13.34 -8.86
C ARG A 301 15.65 -12.97 -10.29
N ALA A 302 15.94 -13.98 -11.10
CA ALA A 302 16.07 -13.82 -12.54
C ALA A 302 14.65 -13.77 -13.04
N ARG A 303 14.20 -12.60 -13.48
CA ARG A 303 12.84 -12.40 -13.96
C ARG A 303 12.73 -12.85 -15.43
N PRO A 304 11.51 -13.23 -15.86
CA PRO A 304 11.24 -13.55 -17.28
C PRO A 304 11.57 -12.46 -18.31
#